data_7UJU
#
_entry.id   7UJU
#
_cell.length_a   52.726
_cell.length_b   62.605
_cell.length_c   58.965
_cell.angle_alpha   90.00
_cell.angle_beta   99.08
_cell.angle_gamma   90.00
#
_symmetry.space_group_name_H-M   'P 1 21 1'
#
loop_
_entity.id
_entity.type
_entity.pdbx_description
1 polymer '3C-like proteinase nsp5'
2 non-polymer (1R,2S,5S)-N-{(1E,2S)-1-imino-3-[(3S)-2-oxopyrrolidin-3-yl]propan-2-yl}-6,6-dimethyl-3-[3-methyl-N-(trifluoroacetyl)-L-valyl]-3-azabicyclo[3.1.0]hexane-2-carboxamide
3 water water
#
_entity_poly.entity_id   1
_entity_poly.type   'polypeptide(L)'
_entity_poly.pdbx_seq_one_letter_code
;GSGFRKMAFPSGKVEGCMVQVTCGTTTLNGLWLDDVVYCPRHVICTSEDMLNPNYEDLLIRKSNHNFLVQAGNVQLRVIG
HSMQNCVLKLKVDTANPKTPKYKFVRIQPGQTFSVLACYNGSPSGVYQCAMRPNFTIKGSFLNGSCGSVGFNIDYDCVSF
CYMHHMELPTGVHAGTDLEGNFYGPFVDRQTAQAAGT
;
_entity_poly.pdbx_strand_id   A,B
#
# COMPACT_ATOMS: atom_id res chain seq x y z
N MET A 7 25.52 -16.20 0.17
CA MET A 7 25.97 -14.92 -0.41
C MET A 7 25.09 -14.58 -1.60
N ALA A 8 24.77 -13.30 -1.77
CA ALA A 8 24.01 -12.95 -2.98
C ALA A 8 25.00 -12.66 -4.11
N PHE A 9 24.56 -12.85 -5.34
CA PHE A 9 25.42 -12.44 -6.49
C PHE A 9 25.51 -10.93 -6.63
N PRO A 10 26.63 -10.36 -7.14
CA PRO A 10 26.70 -8.93 -7.44
C PRO A 10 25.57 -8.56 -8.39
N SER A 11 24.96 -7.39 -8.16
CA SER A 11 23.72 -7.03 -8.87
C SER A 11 23.93 -6.09 -10.06
N GLY A 12 25.16 -5.66 -10.35
CA GLY A 12 25.36 -4.60 -11.34
C GLY A 12 24.73 -4.90 -12.70
N LYS A 13 24.91 -6.13 -13.20
CA LYS A 13 24.37 -6.50 -14.50
C LYS A 13 22.85 -6.38 -14.56
N VAL A 14 22.16 -6.61 -13.44
CA VAL A 14 20.70 -6.51 -13.43
C VAL A 14 20.23 -5.08 -13.17
N GLU A 15 20.99 -4.29 -12.40
CA GLU A 15 20.53 -2.93 -12.09
C GLU A 15 20.28 -2.14 -13.37
N GLY A 16 21.11 -2.36 -14.38
CA GLY A 16 21.01 -1.64 -15.66
C GLY A 16 19.81 -2.01 -16.50
N CYS A 17 19.05 -3.02 -16.10
CA CYS A 17 17.88 -3.50 -16.83
C CYS A 17 16.55 -3.09 -16.19
N MET A 18 16.58 -2.41 -15.05
CA MET A 18 15.37 -2.22 -14.26
C MET A 18 14.73 -0.93 -14.73
N VAL A 19 13.42 -0.95 -14.97
CA VAL A 19 12.68 0.25 -15.37
C VAL A 19 11.40 0.36 -14.57
N GLN A 20 10.77 1.52 -14.67
CA GLN A 20 9.47 1.77 -14.07
C GLN A 20 8.39 1.71 -15.16
N VAL A 21 7.29 1.01 -14.87
CA VAL A 21 6.18 0.88 -15.81
C VAL A 21 4.93 1.40 -15.12
N THR A 22 4.23 2.33 -15.78
CA THR A 22 3.01 2.89 -15.23
C THR A 22 1.88 2.73 -16.24
N CYS A 23 0.72 2.28 -15.78
CA CYS A 23 -0.47 2.25 -16.62
C CYS A 23 -1.61 2.82 -15.77
N GLY A 24 -2.13 3.98 -16.17
CA GLY A 24 -3.08 4.67 -15.30
C GLY A 24 -2.46 5.11 -13.99
N THR A 25 -2.88 4.53 -12.89
CA THR A 25 -2.38 4.91 -11.58
C THR A 25 -1.53 3.80 -10.97
N THR A 26 -1.43 2.70 -11.68
CA THR A 26 -0.69 1.53 -11.20
C THR A 26 0.74 1.61 -11.73
N THR A 27 1.71 1.61 -10.83
CA THR A 27 3.13 1.66 -11.16
C THR A 27 3.82 0.46 -10.54
N LEU A 28 4.66 -0.21 -11.32
CA LEU A 28 5.50 -1.26 -10.75
C LEU A 28 6.78 -1.31 -11.58
N ASN A 29 7.57 -2.37 -11.43
CA ASN A 29 8.86 -2.43 -12.11
C ASN A 29 8.79 -3.32 -13.34
N GLY A 30 9.71 -3.08 -14.26
CA GLY A 30 9.83 -3.89 -15.45
C GLY A 30 11.29 -4.22 -15.67
N LEU A 31 11.51 -5.25 -16.50
CA LEU A 31 12.84 -5.72 -16.87
C LEU A 31 13.03 -5.45 -18.35
N TRP A 32 14.07 -4.68 -18.69
CA TRP A 32 14.27 -4.17 -20.05
C TRP A 32 15.46 -4.91 -20.63
N LEU A 33 15.20 -5.79 -21.61
CA LEU A 33 16.24 -6.55 -22.26
C LEU A 33 16.07 -6.37 -23.74
N ASP A 34 17.13 -5.97 -24.43
CA ASP A 34 17.06 -5.63 -25.85
C ASP A 34 15.97 -4.57 -25.99
N ASP A 35 14.99 -4.77 -26.86
CA ASP A 35 13.92 -3.79 -27.03
C ASP A 35 12.58 -4.26 -26.46
N VAL A 36 12.59 -5.07 -25.41
CA VAL A 36 11.36 -5.53 -24.80
C VAL A 36 11.41 -5.24 -23.31
N VAL A 37 10.28 -4.79 -22.76
CA VAL A 37 10.13 -4.65 -21.31
C VAL A 37 9.15 -5.71 -20.83
N TYR A 38 9.57 -6.51 -19.85
CA TYR A 38 8.75 -7.56 -19.25
C TYR A 38 8.25 -7.07 -17.90
N CYS A 39 6.96 -7.22 -17.63
CA CYS A 39 6.45 -6.79 -16.33
C CYS A 39 5.19 -7.58 -16.02
N PRO A 40 4.75 -7.61 -14.75
CA PRO A 40 3.55 -8.37 -14.40
C PRO A 40 2.32 -7.79 -15.09
N ARG A 41 1.45 -8.68 -15.55
CA ARG A 41 0.33 -8.18 -16.34
C ARG A 41 -0.68 -7.44 -15.49
N HIS A 42 -0.65 -7.61 -14.16
CA HIS A 42 -1.65 -6.87 -13.40
C HIS A 42 -1.39 -5.38 -13.36
N VAL A 43 -0.31 -4.90 -13.97
CA VAL A 43 -0.16 -3.46 -14.16
C VAL A 43 -1.36 -2.84 -14.88
N ILE A 44 -2.08 -3.63 -15.70
CA ILE A 44 -3.15 -3.02 -16.48
C ILE A 44 -4.46 -2.91 -15.71
N CYS A 45 -4.45 -3.28 -14.42
CA CYS A 45 -5.66 -3.33 -13.60
C CYS A 45 -5.77 -2.05 -12.79
N THR A 46 -6.99 -1.57 -12.60
CA THR A 46 -7.26 -0.63 -11.54
C THR A 46 -7.39 -1.40 -10.23
N SER A 47 -7.59 -0.68 -9.14
CA SER A 47 -7.73 -1.35 -7.85
C SER A 47 -8.95 -2.28 -7.83
N GLU A 48 -10.02 -1.86 -8.47
CA GLU A 48 -11.21 -2.69 -8.56
C GLU A 48 -11.01 -3.89 -9.42
N ASP A 49 -10.34 -3.71 -10.55
CA ASP A 49 -10.14 -4.80 -11.51
C ASP A 49 -9.44 -5.99 -10.86
N MET A 50 -8.62 -5.73 -9.84
CA MET A 50 -7.75 -6.74 -9.26
C MET A 50 -8.53 -7.82 -8.50
N LEU A 51 -9.78 -7.57 -8.18
CA LEU A 51 -10.58 -8.57 -7.49
C LEU A 51 -10.97 -9.73 -8.41
N ASN A 52 -11.39 -9.42 -9.63
CA ASN A 52 -11.79 -10.45 -10.60
C ASN A 52 -11.44 -10.00 -12.00
N PRO A 53 -10.15 -10.02 -12.36
CA PRO A 53 -9.74 -9.43 -13.64
C PRO A 53 -10.11 -10.32 -14.82
N ASN A 54 -10.67 -9.70 -15.86
CA ASN A 54 -10.74 -10.32 -17.18
C ASN A 54 -9.57 -9.75 -17.98
N TYR A 55 -8.44 -10.46 -17.94
CA TYR A 55 -7.23 -9.90 -18.55
C TYR A 55 -7.35 -9.78 -20.07
N GLU A 56 -8.01 -10.75 -20.72
CA GLU A 56 -8.21 -10.64 -22.16
C GLU A 56 -8.90 -9.34 -22.52
N ASP A 57 -9.96 -8.99 -21.79
CA ASP A 57 -10.71 -7.78 -22.10
C ASP A 57 -9.96 -6.52 -21.69
N LEU A 58 -9.22 -6.56 -20.58
CA LEU A 58 -8.46 -5.39 -20.17
C LEU A 58 -7.36 -5.09 -21.18
N LEU A 59 -6.75 -6.13 -21.75
CA LEU A 59 -5.72 -5.97 -22.78
C LEU A 59 -6.27 -5.26 -24.01
N ILE A 60 -7.50 -5.61 -24.42
CA ILE A 60 -8.13 -5.01 -25.59
C ILE A 60 -8.23 -3.50 -25.45
N ARG A 61 -8.66 -3.04 -24.29
CA ARG A 61 -8.97 -1.63 -24.11
C ARG A 61 -7.75 -0.74 -23.91
N LYS A 62 -6.54 -1.31 -23.84
CA LYS A 62 -5.33 -0.51 -23.69
C LYS A 62 -4.69 -0.32 -25.06
N SER A 63 -4.12 0.86 -25.28
CA SER A 63 -3.29 1.15 -26.43
C SER A 63 -1.86 1.41 -25.97
N ASN A 64 -0.95 1.46 -26.94
CA ASN A 64 0.47 1.62 -26.61
C ASN A 64 0.71 2.86 -25.77
N HIS A 65 -0.03 3.94 -26.06
CA HIS A 65 0.27 5.20 -25.40
C HIS A 65 -0.30 5.28 -23.99
N ASN A 66 -1.07 4.27 -23.54
CA ASN A 66 -1.49 4.18 -22.14
C ASN A 66 -0.39 3.66 -21.23
N PHE A 67 0.74 3.20 -21.77
CA PHE A 67 1.83 2.69 -20.98
C PHE A 67 2.93 3.75 -20.91
N LEU A 68 3.35 4.08 -19.70
CA LEU A 68 4.46 5.00 -19.49
C LEU A 68 5.63 4.17 -18.95
N VAL A 69 6.72 4.09 -19.72
CA VAL A 69 7.91 3.34 -19.34
C VAL A 69 9.04 4.34 -19.17
N GLN A 70 9.68 4.32 -18.01
CA GLN A 70 10.78 5.25 -17.75
C GLN A 70 12.01 4.49 -17.27
N ALA A 71 13.11 4.73 -17.95
CA ALA A 71 14.43 4.28 -17.52
C ALA A 71 15.06 5.48 -16.83
N GLY A 72 15.06 5.48 -15.49
CA GLY A 72 15.47 6.68 -14.79
C GLY A 72 14.57 7.86 -15.17
N ASN A 73 15.18 8.93 -15.71
CA ASN A 73 14.43 10.11 -16.14
C ASN A 73 14.00 10.07 -17.61
N VAL A 74 14.38 9.05 -18.36
CA VAL A 74 14.12 8.99 -19.80
C VAL A 74 12.85 8.20 -20.03
N GLN A 75 11.91 8.77 -20.76
CA GLN A 75 10.72 8.04 -21.15
C GLN A 75 11.00 7.25 -22.42
N LEU A 76 10.56 5.99 -22.44
CA LEU A 76 10.74 5.11 -23.60
C LEU A 76 9.40 4.94 -24.31
N ARG A 77 9.42 5.05 -25.64
CA ARG A 77 8.18 4.95 -26.41
C ARG A 77 7.77 3.49 -26.58
N VAL A 78 6.56 3.15 -26.14
CA VAL A 78 6.01 1.81 -26.35
C VAL A 78 5.41 1.76 -27.74
N ILE A 79 5.85 0.78 -28.54
CA ILE A 79 5.38 0.67 -29.92
C ILE A 79 4.66 -0.66 -30.17
N GLY A 80 4.43 -1.44 -29.12
CA GLY A 80 3.68 -2.67 -29.24
C GLY A 80 3.58 -3.33 -27.88
N HIS A 81 2.55 -4.16 -27.72
CA HIS A 81 2.36 -4.85 -26.46
C HIS A 81 1.65 -6.17 -26.70
N SER A 82 1.99 -7.17 -25.89
CA SER A 82 1.34 -8.48 -25.95
C SER A 82 1.40 -9.13 -24.58
N MET A 83 0.60 -10.17 -24.45
CA MET A 83 0.53 -10.90 -23.17
C MET A 83 1.06 -12.31 -23.35
N GLN A 84 1.96 -12.69 -22.47
CA GLN A 84 2.41 -14.09 -22.45
C GLN A 84 2.14 -14.66 -21.07
N ASN A 85 1.07 -15.46 -20.91
CA ASN A 85 0.71 -16.03 -19.61
C ASN A 85 0.52 -14.87 -18.63
N CYS A 86 1.23 -14.81 -17.51
CA CYS A 86 1.01 -13.74 -16.54
C CYS A 86 1.97 -12.55 -16.72
N VAL A 87 2.74 -12.49 -17.79
CA VAL A 87 3.59 -11.32 -17.99
CA VAL A 87 3.64 -11.36 -18.02
C VAL A 87 3.14 -10.56 -19.23
N LEU A 88 3.36 -9.26 -19.17
CA LEU A 88 3.10 -8.37 -20.29
C LEU A 88 4.45 -8.09 -20.93
N LYS A 89 4.51 -8.09 -22.25
CA LYS A 89 5.73 -7.74 -22.96
C LYS A 89 5.49 -6.45 -23.72
N LEU A 90 6.21 -5.40 -23.35
CA LEU A 90 6.07 -4.11 -24.02
C LEU A 90 7.26 -3.92 -24.96
N LYS A 91 6.98 -3.76 -26.25
CA LYS A 91 8.04 -3.53 -27.23
C LYS A 91 8.28 -2.02 -27.28
N VAL A 92 9.52 -1.62 -27.10
CA VAL A 92 9.86 -0.20 -27.03
C VAL A 92 10.76 0.13 -28.22
N ASP A 93 10.93 1.43 -28.47
CA ASP A 93 11.62 1.82 -29.68
C ASP A 93 13.13 1.92 -29.49
N THR A 94 13.64 1.58 -28.30
CA THR A 94 15.04 1.74 -27.95
C THR A 94 15.54 0.42 -27.37
N ALA A 95 16.64 -0.10 -27.90
CA ALA A 95 17.28 -1.27 -27.30
C ALA A 95 18.07 -0.84 -26.06
N ASN A 96 18.01 -1.65 -25.00
CA ASN A 96 18.81 -1.36 -23.81
C ASN A 96 20.29 -1.56 -24.09
N PRO A 97 21.13 -0.53 -24.06
CA PRO A 97 22.55 -0.74 -24.35
C PRO A 97 23.29 -1.46 -23.23
N LYS A 98 22.66 -1.61 -22.07
CA LYS A 98 23.25 -2.35 -20.96
C LYS A 98 22.72 -3.80 -20.86
N THR A 99 22.11 -4.29 -21.93
CA THR A 99 21.57 -5.65 -21.90
C THR A 99 22.73 -6.63 -21.71
N PRO A 100 22.72 -7.45 -20.66
CA PRO A 100 23.80 -8.43 -20.49
C PRO A 100 23.52 -9.67 -21.32
N LYS A 101 24.45 -10.61 -21.31
CA LYS A 101 24.16 -11.91 -21.90
C LYS A 101 23.18 -12.52 -20.88
N TYR A 102 22.14 -13.17 -21.35
CA TYR A 102 21.12 -13.65 -20.42
C TYR A 102 20.39 -14.88 -20.97
N LYS A 103 19.72 -15.58 -20.06
CA LYS A 103 18.76 -16.60 -20.46
C LYS A 103 17.66 -16.67 -19.41
N PHE A 104 16.52 -17.22 -19.82
CA PHE A 104 15.40 -17.44 -18.92
C PHE A 104 15.41 -18.91 -18.51
N VAL A 105 15.37 -19.18 -17.21
CA VAL A 105 15.37 -20.55 -16.71
C VAL A 105 14.27 -20.68 -15.67
N ARG A 106 13.76 -21.90 -15.49
CA ARG A 106 12.75 -22.20 -14.49
C ARG A 106 13.42 -23.07 -13.42
N ILE A 107 13.40 -22.63 -12.17
CA ILE A 107 14.08 -23.37 -11.12
C ILE A 107 13.12 -24.32 -10.41
N GLN A 108 13.69 -25.19 -9.58
CA GLN A 108 12.96 -26.18 -8.80
C GLN A 108 13.08 -25.88 -7.31
N PRO A 109 12.13 -26.34 -6.50
CA PRO A 109 12.27 -26.19 -5.05
C PRO A 109 13.62 -26.71 -4.56
N GLY A 110 14.15 -26.05 -3.52
CA GLY A 110 15.47 -26.35 -3.04
C GLY A 110 16.57 -25.50 -3.66
N GLN A 111 16.32 -24.89 -4.81
CA GLN A 111 17.33 -24.09 -5.46
C GLN A 111 17.27 -22.67 -4.92
N THR A 112 18.43 -22.00 -4.90
CA THR A 112 18.53 -20.65 -4.39
C THR A 112 18.76 -19.68 -5.55
N PHE A 113 18.47 -18.40 -5.29
CA PHE A 113 18.73 -17.34 -6.27
C PHE A 113 18.81 -16.00 -5.55
N SER A 114 19.40 -15.01 -6.23
CA SER A 114 19.44 -13.65 -5.69
C SER A 114 18.24 -12.85 -6.16
N VAL A 115 17.72 -11.99 -5.29
CA VAL A 115 16.63 -11.08 -5.63
C VAL A 115 17.16 -9.66 -5.57
N LEU A 116 16.85 -8.86 -6.60
CA LEU A 116 17.14 -7.42 -6.60
C LEU A 116 15.80 -6.73 -6.36
N ALA A 117 15.55 -6.33 -5.11
CA ALA A 117 14.31 -5.65 -4.77
C ALA A 117 14.35 -4.23 -5.31
N CYS A 118 13.32 -3.85 -6.05
CA CYS A 118 13.24 -2.54 -6.69
C CYS A 118 11.93 -1.85 -6.34
N TYR A 119 11.97 -0.51 -6.31
CA TYR A 119 10.77 0.31 -6.13
C TYR A 119 10.84 1.47 -7.12
N ASN A 120 9.74 1.71 -7.85
CA ASN A 120 9.69 2.80 -8.83
C ASN A 120 10.82 2.70 -9.85
N GLY A 121 11.22 1.47 -10.18
CA GLY A 121 12.28 1.29 -11.13
C GLY A 121 13.67 1.42 -10.56
N SER A 122 13.80 1.62 -9.24
CA SER A 122 15.07 1.95 -8.60
C SER A 122 15.53 0.79 -7.71
N PRO A 123 16.68 0.19 -8.00
CA PRO A 123 17.19 -0.90 -7.16
C PRO A 123 17.38 -0.45 -5.72
N SER A 124 16.93 -1.28 -4.80
CA SER A 124 16.91 -0.95 -3.38
C SER A 124 17.81 -1.84 -2.54
N GLY A 125 17.87 -3.14 -2.83
CA GLY A 125 18.72 -4.04 -2.06
C GLY A 125 18.77 -5.41 -2.72
N VAL A 126 19.71 -6.21 -2.27
CA VAL A 126 19.93 -7.53 -2.86
CA VAL A 126 19.98 -7.53 -2.86
C VAL A 126 20.04 -8.55 -1.74
N TYR A 127 19.43 -9.72 -1.96
CA TYR A 127 19.48 -10.77 -0.95
C TYR A 127 19.24 -12.11 -1.62
N GLN A 128 19.56 -13.16 -0.89
CA GLN A 128 19.47 -14.54 -1.36
C GLN A 128 18.18 -15.15 -0.83
N CYS A 129 17.49 -15.94 -1.66
CA CYS A 129 16.25 -16.62 -1.32
CA CYS A 129 16.37 -16.70 -1.13
C CYS A 129 16.34 -18.07 -1.75
N ALA A 130 15.49 -18.93 -1.17
CA ALA A 130 15.39 -20.32 -1.58
C ALA A 130 13.94 -20.63 -1.88
N MET A 131 13.71 -21.35 -2.98
CA MET A 131 12.37 -21.79 -3.34
CA MET A 131 12.37 -21.78 -3.33
C MET A 131 11.97 -22.94 -2.42
N ARG A 132 10.85 -22.78 -1.73
CA ARG A 132 10.38 -23.81 -0.81
C ARG A 132 9.58 -24.88 -1.54
N PRO A 133 9.35 -26.03 -0.89
CA PRO A 133 8.63 -27.12 -1.58
C PRO A 133 7.22 -26.77 -2.02
N ASN A 134 6.57 -25.82 -1.36
CA ASN A 134 5.25 -25.37 -1.82
C ASN A 134 5.34 -24.21 -2.81
N PHE A 135 6.53 -23.99 -3.39
CA PHE A 135 6.78 -22.97 -4.42
C PHE A 135 6.62 -21.54 -3.93
N THR A 136 6.76 -21.28 -2.63
CA THR A 136 6.80 -19.92 -2.14
C THR A 136 8.23 -19.56 -1.74
N ILE A 137 8.49 -18.28 -1.58
CA ILE A 137 9.79 -17.84 -1.11
C ILE A 137 9.58 -16.90 0.07
N LYS A 138 10.54 -16.86 0.97
CA LYS A 138 10.51 -15.92 2.08
C LYS A 138 11.32 -14.70 1.67
N GLY A 139 10.66 -13.76 0.98
CA GLY A 139 11.30 -12.56 0.51
C GLY A 139 11.09 -11.39 1.45
N SER A 140 11.53 -10.22 1.00
CA SER A 140 11.29 -8.97 1.69
C SER A 140 10.80 -7.99 0.62
N PHE A 141 9.47 -7.86 0.52
CA PHE A 141 8.83 -7.10 -0.54
C PHE A 141 7.74 -6.25 0.07
N LEU A 142 7.69 -4.98 -0.33
CA LEU A 142 6.66 -4.03 0.09
C LEU A 142 5.81 -3.63 -1.10
N ASN A 143 4.92 -2.67 -0.87
CA ASN A 143 4.13 -2.11 -1.97
C ASN A 143 5.04 -1.59 -3.08
N GLY A 144 4.62 -1.82 -4.32
CA GLY A 144 5.38 -1.39 -5.48
C GLY A 144 6.57 -2.24 -5.84
N SER A 145 6.78 -3.36 -5.17
CA SER A 145 7.92 -4.21 -5.50
C SER A 145 7.68 -5.16 -6.67
N CYS A 146 6.45 -5.27 -7.18
CA CYS A 146 6.20 -6.23 -8.25
C CYS A 146 7.05 -5.93 -9.47
N GLY A 147 7.45 -6.99 -10.18
CA GLY A 147 8.39 -6.88 -11.27
C GLY A 147 9.84 -6.93 -10.85
N SER A 148 10.14 -6.89 -9.55
CA SER A 148 11.49 -7.22 -9.08
C SER A 148 11.82 -8.65 -9.53
N VAL A 149 13.10 -8.91 -9.82
CA VAL A 149 13.43 -10.20 -10.41
C VAL A 149 14.44 -10.95 -9.55
N GLY A 150 14.43 -12.27 -9.73
CA GLY A 150 15.42 -13.17 -9.17
C GLY A 150 16.30 -13.74 -10.27
N PHE A 151 17.55 -14.01 -9.92
CA PHE A 151 18.55 -14.34 -10.93
C PHE A 151 19.73 -15.07 -10.27
N ASN A 152 20.46 -15.81 -11.11
CA ASN A 152 21.77 -16.37 -10.80
C ASN A 152 22.72 -15.92 -11.89
N ILE A 153 24.02 -16.00 -11.62
CA ILE A 153 25.03 -15.62 -12.61
C ILE A 153 25.94 -16.82 -12.85
N ASP A 154 26.08 -17.20 -14.14
CA ASP A 154 26.94 -18.31 -14.59
C ASP A 154 28.05 -17.68 -15.42
N TYR A 155 29.21 -17.47 -14.79
CA TYR A 155 30.31 -16.74 -15.41
C TYR A 155 29.86 -15.36 -15.86
N ASP A 156 29.55 -15.20 -17.15
CA ASP A 156 29.16 -13.89 -17.67
C ASP A 156 27.68 -13.81 -18.03
N CYS A 157 26.91 -14.85 -17.77
CA CYS A 157 25.54 -14.95 -18.23
C CYS A 157 24.58 -14.86 -17.06
N VAL A 158 23.60 -13.96 -17.16
CA VAL A 158 22.58 -13.82 -16.12
C VAL A 158 21.43 -14.77 -16.44
N SER A 159 21.14 -15.69 -15.54
CA SER A 159 19.97 -16.55 -15.64
C SER A 159 18.83 -15.94 -14.82
N PHE A 160 17.82 -15.38 -15.51
CA PHE A 160 16.65 -14.84 -14.81
C PHE A 160 15.69 -15.99 -14.50
N CYS A 161 15.25 -16.10 -13.25
CA CYS A 161 14.39 -17.22 -12.89
C CYS A 161 13.09 -16.83 -12.18
N TYR A 162 12.92 -15.58 -11.77
CA TYR A 162 11.77 -15.20 -10.95
C TYR A 162 11.41 -13.75 -11.23
N MET A 163 10.10 -13.51 -11.36
CA MET A 163 9.54 -12.16 -11.35
C MET A 163 8.50 -12.10 -10.24
N HIS A 164 8.53 -11.04 -9.43
CA HIS A 164 7.67 -10.99 -8.24
C HIS A 164 6.25 -10.51 -8.56
N HIS A 165 5.23 -11.22 -8.00
CA HIS A 165 3.83 -10.84 -8.20
C HIS A 165 3.03 -10.59 -6.93
N MET A 166 3.23 -11.34 -5.85
CA MET A 166 2.21 -11.25 -4.80
C MET A 166 2.74 -11.74 -3.46
N GLU A 167 2.03 -11.34 -2.39
CA GLU A 167 2.32 -11.75 -1.03
C GLU A 167 1.13 -12.50 -0.46
N LEU A 168 1.40 -13.64 0.10
CA LEU A 168 0.39 -14.53 0.66
C LEU A 168 0.13 -14.20 2.12
N PRO A 169 -1.03 -14.60 2.65
CA PRO A 169 -1.40 -14.17 4.01
C PRO A 169 -0.37 -14.51 5.07
N THR A 170 0.31 -15.66 4.96
CA THR A 170 1.33 -16.00 5.94
C THR A 170 2.61 -15.18 5.77
N GLY A 171 2.66 -14.24 4.83
CA GLY A 171 3.82 -13.40 4.65
C GLY A 171 4.88 -13.90 3.69
N VAL A 172 4.67 -15.06 3.03
CA VAL A 172 5.62 -15.55 2.06
C VAL A 172 5.17 -15.04 0.68
N HIS A 173 5.98 -15.27 -0.34
CA HIS A 173 5.78 -14.60 -1.62
C HIS A 173 5.69 -15.61 -2.75
N ALA A 174 5.01 -15.21 -3.81
CA ALA A 174 4.82 -16.04 -4.99
C ALA A 174 4.97 -15.21 -6.26
N GLY A 175 5.34 -15.90 -7.33
CA GLY A 175 5.65 -15.17 -8.55
C GLY A 175 5.80 -16.15 -9.71
N THR A 176 6.30 -15.64 -10.83
CA THR A 176 6.35 -16.43 -12.05
C THR A 176 7.81 -16.59 -12.51
N ASP A 177 8.00 -17.46 -13.49
CA ASP A 177 9.23 -17.40 -14.25
C ASP A 177 9.10 -16.28 -15.29
N LEU A 178 10.11 -16.11 -16.16
CA LEU A 178 10.07 -15.00 -17.10
C LEU A 178 9.27 -15.31 -18.34
N GLU A 179 8.72 -16.52 -18.46
CA GLU A 179 7.71 -16.78 -19.47
C GLU A 179 6.30 -16.55 -18.94
N GLY A 180 6.15 -16.05 -17.72
CA GLY A 180 4.86 -15.74 -17.16
C GLY A 180 4.13 -16.88 -16.46
N ASN A 181 4.78 -18.01 -16.26
CA ASN A 181 4.12 -19.15 -15.60
C ASN A 181 4.40 -19.12 -14.10
N PHE A 182 3.33 -19.16 -13.29
CA PHE A 182 3.52 -19.15 -11.85
C PHE A 182 4.30 -20.39 -11.42
N TYR A 183 5.11 -20.19 -10.38
CA TYR A 183 5.61 -21.28 -9.57
C TYR A 183 4.49 -21.60 -8.58
N GLY A 184 3.98 -22.83 -8.61
CA GLY A 184 2.94 -23.23 -7.69
C GLY A 184 1.53 -22.94 -8.21
N PRO A 185 0.51 -23.30 -7.43
CA PRO A 185 -0.86 -23.23 -7.96
C PRO A 185 -1.52 -21.86 -7.81
N PHE A 186 -0.74 -20.79 -7.88
CA PHE A 186 -1.28 -19.48 -7.57
C PHE A 186 -1.79 -18.78 -8.84
N VAL A 187 -2.67 -17.79 -8.65
CA VAL A 187 -3.21 -16.98 -9.74
C VAL A 187 -3.10 -15.50 -9.37
N ASP A 188 -2.92 -14.65 -10.38
CA ASP A 188 -2.71 -13.22 -10.14
C ASP A 188 -4.07 -12.52 -10.04
N ARG A 189 -4.78 -12.88 -8.96
CA ARG A 189 -6.08 -12.31 -8.61
C ARG A 189 -6.08 -12.06 -7.12
N GLN A 190 -6.61 -10.90 -6.72
CA GLN A 190 -6.70 -10.56 -5.29
C GLN A 190 -7.88 -11.34 -4.72
N THR A 191 -7.59 -12.58 -4.35
CA THR A 191 -8.64 -13.49 -3.87
C THR A 191 -8.07 -14.50 -2.87
N ALA A 192 -8.97 -15.23 -2.23
CA ALA A 192 -8.66 -16.24 -1.21
C ALA A 192 -7.62 -17.21 -1.75
N GLN A 193 -6.38 -17.04 -1.30
CA GLN A 193 -5.29 -17.96 -1.70
C GLN A 193 -4.42 -18.17 -0.48
N ALA A 194 -3.90 -19.37 -0.33
CA ALA A 194 -3.02 -19.71 0.79
C ALA A 194 -1.95 -20.69 0.33
N ALA A 195 -0.81 -20.64 1.03
CA ALA A 195 0.29 -21.59 0.83
C ALA A 195 -0.13 -23.01 1.21
N MET B 7 -30.50 5.57 16.85
CA MET B 7 -30.09 5.26 15.51
C MET B 7 -28.94 6.12 15.00
N ALA B 8 -28.21 5.59 14.05
CA ALA B 8 -27.06 6.30 13.50
C ALA B 8 -27.53 7.37 12.50
N PHE B 9 -26.66 8.36 12.31
CA PHE B 9 -26.88 9.37 11.27
C PHE B 9 -26.60 8.78 9.90
N PRO B 10 -27.27 9.29 8.86
CA PRO B 10 -26.90 8.90 7.49
C PRO B 10 -25.46 9.28 7.24
N SER B 11 -24.71 8.38 6.61
CA SER B 11 -23.26 8.55 6.54
C SER B 11 -22.78 9.18 5.24
N GLY B 12 -23.69 9.57 4.34
CA GLY B 12 -23.27 9.97 3.00
C GLY B 12 -22.25 11.11 2.99
N LYS B 13 -22.48 12.14 3.81
CA LYS B 13 -21.58 13.29 3.80
C LYS B 13 -20.16 12.92 4.22
N VAL B 14 -20.01 11.92 5.09
CA VAL B 14 -18.68 11.51 5.57
C VAL B 14 -18.01 10.54 4.60
N GLU B 15 -18.80 9.68 3.94
CA GLU B 15 -18.26 8.73 2.98
C GLU B 15 -17.42 9.40 1.92
N GLY B 16 -17.85 10.57 1.46
CA GLY B 16 -17.13 11.30 0.44
C GLY B 16 -15.79 11.86 0.90
N CYS B 17 -15.45 11.74 2.18
CA CYS B 17 -14.19 12.25 2.71
C CYS B 17 -13.18 11.18 3.14
N MET B 18 -13.54 9.91 3.07
CA MET B 18 -12.62 8.86 3.50
C MET B 18 -11.64 8.51 2.39
N VAL B 19 -10.37 8.38 2.77
CA VAL B 19 -9.31 8.03 1.83
C VAL B 19 -8.47 6.93 2.47
N GLN B 20 -7.58 6.37 1.66
CA GLN B 20 -6.64 5.36 2.13
C GLN B 20 -5.27 6.02 2.27
N VAL B 21 -4.59 5.75 3.38
CA VAL B 21 -3.25 6.28 3.62
C VAL B 21 -2.31 5.11 3.87
N THR B 22 -1.24 5.03 3.08
CA THR B 22 -0.21 4.01 3.25
C THR B 22 1.13 4.68 3.45
N CYS B 23 1.86 4.23 4.47
CA CYS B 23 3.23 4.69 4.66
C CYS B 23 4.04 3.44 5.01
N GLY B 24 4.92 3.03 4.12
CA GLY B 24 5.70 1.84 4.36
C GLY B 24 4.88 0.58 4.36
N THR B 25 4.90 -0.12 5.49
CA THR B 25 4.16 -1.35 5.70
C THR B 25 2.73 -1.15 6.19
N THR B 26 2.35 0.07 6.59
CA THR B 26 1.10 0.33 7.31
C THR B 26 0.10 1.04 6.41
N THR B 27 -1.11 0.50 6.34
CA THR B 27 -2.20 1.14 5.62
C THR B 27 -3.34 1.39 6.62
N LEU B 28 -3.89 2.59 6.61
CA LEU B 28 -5.10 2.84 7.38
C LEU B 28 -5.91 3.92 6.66
N ASN B 29 -6.85 4.53 7.36
CA ASN B 29 -7.76 5.48 6.75
C ASN B 29 -7.42 6.91 7.16
N GLY B 30 -7.79 7.84 6.29
CA GLY B 30 -7.67 9.25 6.57
C GLY B 30 -8.95 9.98 6.20
N LEU B 31 -9.07 11.19 6.75
CA LEU B 31 -10.19 12.09 6.56
C LEU B 31 -9.73 13.26 5.71
N TRP B 32 -10.33 13.42 4.54
CA TRP B 32 -9.89 14.43 3.58
C TRP B 32 -10.89 15.58 3.56
N LEU B 33 -10.45 16.73 4.07
CA LEU B 33 -11.25 17.94 4.19
C LEU B 33 -10.44 19.07 3.59
N ASP B 34 -11.03 19.84 2.67
CA ASP B 34 -10.28 20.89 1.95
C ASP B 34 -9.05 20.22 1.32
N ASP B 35 -7.85 20.80 1.46
CA ASP B 35 -6.63 20.19 0.96
C ASP B 35 -5.80 19.52 2.06
N VAL B 36 -6.42 19.02 3.14
CA VAL B 36 -5.71 18.33 4.21
C VAL B 36 -6.27 16.93 4.40
N VAL B 37 -5.40 15.94 4.54
CA VAL B 37 -5.78 14.61 5.02
C VAL B 37 -5.32 14.44 6.47
N TYR B 38 -6.27 14.10 7.36
CA TYR B 38 -6.01 13.83 8.77
C TYR B 38 -5.98 12.33 9.01
N CYS B 39 -4.97 11.84 9.74
CA CYS B 39 -4.91 10.42 10.06
C CYS B 39 -4.10 10.21 11.35
N PRO B 40 -4.20 9.02 11.97
CA PRO B 40 -3.41 8.76 13.19
C PRO B 40 -1.94 8.85 12.88
N ARG B 41 -1.16 9.42 13.82
CA ARG B 41 0.25 9.62 13.50
C ARG B 41 1.04 8.33 13.55
N HIS B 42 0.51 7.27 14.17
CA HIS B 42 1.29 6.04 14.19
C HIS B 42 1.37 5.36 12.83
N VAL B 43 0.72 5.89 11.80
CA VAL B 43 0.97 5.42 10.45
C VAL B 43 2.46 5.51 10.04
N ILE B 44 3.25 6.42 10.65
CA ILE B 44 4.66 6.52 10.27
C ILE B 44 5.56 5.54 11.00
N CYS B 45 5.01 4.73 11.88
CA CYS B 45 5.79 3.77 12.56
C CYS B 45 5.82 2.40 11.88
N THR B 46 6.89 1.66 12.00
CA THR B 46 6.93 0.25 11.53
C THR B 46 6.54 -0.64 12.72
N SER B 47 6.28 -1.94 12.48
CA SER B 47 5.95 -2.88 13.57
C SER B 47 6.97 -2.78 14.71
N GLU B 48 8.17 -2.26 14.42
CA GLU B 48 9.24 -2.16 15.42
C GLU B 48 9.16 -0.85 16.20
N ASP B 49 8.80 0.24 15.50
CA ASP B 49 8.75 1.56 16.13
C ASP B 49 7.66 1.63 17.19
N MET B 50 6.62 0.79 17.05
CA MET B 50 5.39 0.91 17.84
C MET B 50 5.63 0.77 19.35
N LEU B 51 6.70 0.11 19.78
CA LEU B 51 6.84 -0.14 21.21
C LEU B 51 7.21 1.13 21.99
N ASN B 52 8.06 1.99 21.44
CA ASN B 52 8.39 3.26 22.08
C ASN B 52 8.84 4.19 20.97
N PRO B 53 7.91 4.77 20.25
CA PRO B 53 8.26 5.56 19.07
C PRO B 53 8.72 6.97 19.44
N ASN B 54 9.74 7.43 18.73
CA ASN B 54 10.13 8.84 18.76
C ASN B 54 9.47 9.53 17.56
N TYR B 55 8.28 10.10 17.80
CA TYR B 55 7.49 10.65 16.69
C TYR B 55 8.17 11.86 16.04
N GLU B 56 8.84 12.69 16.83
CA GLU B 56 9.53 13.85 16.27
C GLU B 56 10.58 13.43 15.23
N ASP B 57 11.37 12.39 15.54
CA ASP B 57 12.37 11.92 14.60
CA ASP B 57 12.37 11.92 14.60
C ASP B 57 11.74 11.23 13.40
N LEU B 58 10.73 10.38 13.64
CA LEU B 58 10.07 9.71 12.52
C LEU B 58 9.42 10.70 11.56
N LEU B 59 8.95 11.83 12.07
CA LEU B 59 8.26 12.79 11.22
C LEU B 59 9.21 13.37 10.18
N ILE B 60 10.47 13.60 10.54
CA ILE B 60 11.41 14.13 9.56
C ILE B 60 12.16 13.04 8.82
N ARG B 61 12.15 11.79 9.31
CA ARG B 61 12.69 10.70 8.50
C ARG B 61 11.84 10.44 7.27
N LYS B 62 10.53 10.69 7.35
CA LYS B 62 9.62 10.39 6.26
C LYS B 62 9.57 11.60 5.33
N SER B 63 9.66 11.38 4.04
CA SER B 63 9.44 12.49 3.13
C SER B 63 8.01 12.42 2.60
N ASN B 64 7.62 13.46 1.87
CA ASN B 64 6.27 13.53 1.31
C ASN B 64 5.98 12.34 0.41
N HIS B 65 6.97 11.87 -0.36
CA HIS B 65 6.71 10.78 -1.27
C HIS B 65 6.64 9.42 -0.57
N ASN B 66 6.95 9.34 0.73
CA ASN B 66 6.74 8.09 1.44
C ASN B 66 5.27 7.82 1.75
N PHE B 67 4.39 8.82 1.61
CA PHE B 67 2.96 8.65 1.85
C PHE B 67 2.21 8.42 0.55
N LEU B 68 1.46 7.33 0.48
CA LEU B 68 0.59 7.06 -0.66
C LEU B 68 -0.85 7.28 -0.19
N VAL B 69 -1.52 8.29 -0.75
CA VAL B 69 -2.91 8.60 -0.42
C VAL B 69 -3.76 8.35 -1.66
N GLN B 70 -4.79 7.52 -1.50
CA GLN B 70 -5.71 7.16 -2.58
C GLN B 70 -7.14 7.47 -2.19
N ALA B 71 -7.86 8.17 -3.05
CA ALA B 71 -9.29 8.39 -2.93
C ALA B 71 -9.95 7.59 -4.06
N GLY B 72 -10.25 6.32 -3.78
CA GLY B 72 -10.72 5.44 -4.83
C GLY B 72 -9.62 5.21 -5.85
N ASN B 73 -9.83 5.64 -7.09
CA ASN B 73 -8.85 5.43 -8.16
C ASN B 73 -7.98 6.66 -8.44
N VAL B 74 -8.10 7.72 -7.64
CA VAL B 74 -7.31 8.92 -7.86
C VAL B 74 -6.23 8.98 -6.78
N GLN B 75 -5.04 9.34 -7.17
CA GLN B 75 -4.01 9.49 -6.21
C GLN B 75 -3.88 10.93 -5.86
N LEU B 76 -3.73 11.19 -4.58
CA LEU B 76 -3.55 12.54 -4.07
C LEU B 76 -2.07 12.68 -3.73
N ARG B 77 -1.40 13.64 -4.37
CA ARG B 77 0.00 13.89 -4.09
C ARG B 77 0.18 14.67 -2.79
N VAL B 78 1.02 14.14 -1.89
CA VAL B 78 1.30 14.81 -0.62
C VAL B 78 2.41 15.83 -0.83
N ILE B 79 2.14 17.08 -0.44
CA ILE B 79 3.07 18.17 -0.61
C ILE B 79 3.56 18.74 0.71
N GLY B 80 3.15 18.19 1.83
CA GLY B 80 3.69 18.66 3.10
C GLY B 80 3.13 17.81 4.22
N HIS B 81 3.82 17.68 5.35
CA HIS B 81 3.25 16.87 6.41
C HIS B 81 3.69 17.45 7.73
N SER B 82 2.76 17.50 8.68
CA SER B 82 3.03 18.04 10.01
C SER B 82 2.23 17.24 11.03
N MET B 83 2.60 17.43 12.29
CA MET B 83 1.99 16.71 13.39
C MET B 83 1.25 17.70 14.27
N GLN B 84 0.01 17.37 14.63
CA GLN B 84 -0.71 18.13 15.63
C GLN B 84 -1.13 17.16 16.73
N ASN B 85 -0.46 17.26 17.89
CA ASN B 85 -0.68 16.29 18.94
C ASN B 85 -0.53 14.88 18.37
N CYS B 86 -1.59 14.05 18.43
CA CYS B 86 -1.50 12.68 17.97
C CYS B 86 -2.07 12.45 16.56
N VAL B 87 -2.41 13.50 15.82
N VAL B 87 -2.32 13.53 15.82
CA VAL B 87 -2.84 13.30 14.44
CA VAL B 87 -2.86 13.39 14.48
C VAL B 87 -1.80 13.89 13.49
C VAL B 87 -1.90 13.98 13.43
N LEU B 88 -1.69 13.25 12.34
CA LEU B 88 -0.84 13.72 11.26
C LEU B 88 -1.71 14.49 10.29
N LYS B 89 -1.18 15.59 9.77
CA LYS B 89 -1.88 16.39 8.76
C LYS B 89 -1.06 16.34 7.47
N LEU B 90 -1.62 15.71 6.45
CA LEU B 90 -0.97 15.60 5.15
C LEU B 90 -1.57 16.66 4.23
N LYS B 91 -0.73 17.59 3.77
CA LYS B 91 -1.22 18.56 2.81
C LYS B 91 -1.12 17.96 1.41
N VAL B 92 -2.20 18.06 0.63
CA VAL B 92 -2.26 17.43 -0.68
C VAL B 92 -2.46 18.54 -1.73
N ASP B 93 -2.27 18.18 -2.99
CA ASP B 93 -2.22 19.17 -4.06
C ASP B 93 -3.59 19.48 -4.65
N THR B 94 -4.67 19.05 -4.00
CA THR B 94 -6.00 19.42 -4.47
C THR B 94 -6.97 19.37 -3.29
N ALA B 95 -8.03 20.18 -3.35
CA ALA B 95 -9.04 20.24 -2.30
C ALA B 95 -10.20 19.31 -2.65
N ASN B 96 -10.73 18.64 -1.64
CA ASN B 96 -11.86 17.74 -1.82
C ASN B 96 -13.09 18.53 -2.26
N PRO B 97 -13.57 18.34 -3.49
CA PRO B 97 -14.79 19.05 -3.91
C PRO B 97 -16.03 18.63 -3.15
N LYS B 98 -15.95 17.54 -2.41
CA LYS B 98 -17.08 17.04 -1.64
C LYS B 98 -16.97 17.39 -0.14
N THR B 99 -16.08 18.31 0.20
CA THR B 99 -15.97 18.74 1.59
C THR B 99 -17.31 19.31 2.08
N PRO B 100 -17.91 18.70 3.10
CA PRO B 100 -19.16 19.23 3.66
C PRO B 100 -18.85 20.43 4.55
N LYS B 101 -19.90 21.05 5.04
CA LYS B 101 -19.74 22.07 6.06
C LYS B 101 -19.37 21.22 7.28
N TYR B 102 -18.42 21.68 8.07
CA TYR B 102 -17.96 20.83 9.16
C TYR B 102 -17.40 21.68 10.28
N LYS B 103 -17.32 21.05 11.45
CA LYS B 103 -16.59 21.61 12.58
C LYS B 103 -16.03 20.46 13.41
N PHE B 104 -14.99 20.76 14.18
CA PHE B 104 -14.39 19.78 15.09
C PHE B 104 -14.90 20.08 16.49
N VAL B 105 -15.44 19.07 17.18
CA VAL B 105 -15.95 19.25 18.54
C VAL B 105 -15.39 18.14 19.42
N ARG B 106 -15.22 18.45 20.71
CA ARG B 106 -14.74 17.46 21.67
C ARG B 106 -15.92 17.06 22.55
N ILE B 107 -16.22 15.76 22.61
CA ILE B 107 -17.40 15.35 23.36
C ILE B 107 -17.01 14.91 24.77
N GLN B 108 -18.02 14.52 25.55
CA GLN B 108 -17.90 14.09 26.94
C GLN B 108 -18.49 12.69 27.11
N PRO B 109 -18.01 11.92 28.09
CA PRO B 109 -18.64 10.62 28.39
C PRO B 109 -20.15 10.76 28.50
N GLY B 110 -20.87 9.74 28.04
CA GLY B 110 -22.31 9.78 28.04
C GLY B 110 -22.94 10.30 26.76
N GLN B 111 -22.21 11.07 25.97
CA GLN B 111 -22.76 11.55 24.71
C GLN B 111 -22.56 10.51 23.62
N THR B 112 -23.52 10.44 22.71
CA THR B 112 -23.51 9.46 21.63
C THR B 112 -22.98 10.10 20.35
N PHE B 113 -22.46 9.25 19.47
CA PHE B 113 -22.10 9.71 18.14
C PHE B 113 -22.18 8.52 17.21
N SER B 114 -22.16 8.78 15.91
CA SER B 114 -22.11 7.73 14.91
C SER B 114 -20.67 7.47 14.49
N VAL B 115 -20.37 6.20 14.23
CA VAL B 115 -19.05 5.77 13.75
C VAL B 115 -19.22 5.23 12.33
N LEU B 116 -18.40 5.71 11.42
CA LEU B 116 -18.32 5.14 10.06
C LEU B 116 -17.07 4.28 10.06
N ALA B 117 -17.25 2.97 10.19
CA ALA B 117 -16.11 2.06 10.18
C ALA B 117 -15.61 1.89 8.74
N CYS B 118 -14.30 2.01 8.55
CA CYS B 118 -13.69 1.93 7.23
C CYS B 118 -12.49 0.99 7.25
N TYR B 119 -12.19 0.44 6.08
CA TYR B 119 -11.02 -0.41 5.85
C TYR B 119 -10.47 -0.09 4.47
N ASN B 120 -9.15 0.16 4.40
CA ASN B 120 -8.50 0.52 3.14
C ASN B 120 -9.18 1.70 2.47
N GLY B 121 -9.61 2.67 3.28
CA GLY B 121 -10.24 3.86 2.76
C GLY B 121 -11.67 3.68 2.29
N SER B 122 -12.26 2.51 2.51
CA SER B 122 -13.57 2.23 1.96
C SER B 122 -14.58 2.05 3.10
N PRO B 123 -15.68 2.81 3.09
CA PRO B 123 -16.70 2.70 4.16
C PRO B 123 -17.29 1.30 4.24
N SER B 124 -17.34 0.76 5.45
CA SER B 124 -17.79 -0.62 5.63
C SER B 124 -19.08 -0.74 6.44
N GLY B 125 -19.31 0.11 7.43
CA GLY B 125 -20.51 0.02 8.24
C GLY B 125 -20.66 1.26 9.08
N VAL B 126 -21.86 1.45 9.62
CA VAL B 126 -22.15 2.66 10.40
C VAL B 126 -22.95 2.28 11.64
N TYR B 127 -22.54 2.78 12.80
CA TYR B 127 -23.26 2.39 14.00
C TYR B 127 -23.13 3.50 15.03
N GLN B 128 -24.00 3.44 16.03
CA GLN B 128 -24.05 4.44 17.09
C GLN B 128 -23.29 3.91 18.30
N CYS B 129 -22.47 4.76 18.92
CA CYS B 129 -21.65 4.45 20.10
CA CYS B 129 -21.87 4.35 20.19
C CYS B 129 -21.88 5.52 21.16
N ALA B 130 -21.55 5.21 22.41
CA ALA B 130 -21.52 6.21 23.46
C ALA B 130 -20.18 6.13 24.15
N MET B 131 -19.66 7.29 24.53
CA MET B 131 -18.41 7.36 25.28
CA MET B 131 -18.40 7.33 25.27
C MET B 131 -18.65 6.94 26.73
N ARG B 132 -17.86 5.98 27.14
CA ARG B 132 -17.93 5.55 28.51
C ARG B 132 -17.21 6.49 29.55
N PRO B 133 -17.56 6.38 30.87
CA PRO B 133 -16.86 7.24 31.84
C PRO B 133 -15.36 7.11 31.85
N ASN B 134 -14.81 5.96 31.47
CA ASN B 134 -13.37 5.79 31.43
C ASN B 134 -12.78 6.18 30.08
N PHE B 135 -13.56 6.87 29.24
CA PHE B 135 -13.13 7.44 27.96
C PHE B 135 -12.80 6.36 26.92
N THR B 136 -13.43 5.19 27.00
CA THR B 136 -13.32 4.21 25.94
C THR B 136 -14.69 4.04 25.27
N ILE B 137 -14.69 3.41 24.09
CA ILE B 137 -15.95 3.00 23.47
C ILE B 137 -15.91 1.51 23.19
N LYS B 138 -17.11 0.91 23.11
CA LYS B 138 -17.24 -0.48 22.70
C LYS B 138 -17.59 -0.40 21.24
N GLY B 139 -16.58 -0.37 20.40
CA GLY B 139 -16.81 -0.37 18.97
C GLY B 139 -16.67 -1.77 18.39
N SER B 140 -16.75 -1.84 17.06
CA SER B 140 -16.48 -3.04 16.29
C SER B 140 -15.39 -2.66 15.31
N PHE B 141 -14.16 -2.63 15.80
CA PHE B 141 -13.00 -2.26 14.99
C PHE B 141 -12.08 -3.46 14.83
N LEU B 142 -11.66 -3.72 13.60
CA LEU B 142 -10.68 -4.76 13.35
C LEU B 142 -9.38 -4.13 12.83
N ASN B 143 -8.43 -4.98 12.44
CA ASN B 143 -7.20 -4.52 11.84
C ASN B 143 -7.48 -3.60 10.65
N GLY B 144 -6.71 -2.53 10.56
CA GLY B 144 -6.86 -1.56 9.50
C GLY B 144 -7.99 -0.57 9.67
N SER B 145 -8.65 -0.56 10.83
CA SER B 145 -9.76 0.36 11.06
C SER B 145 -9.34 1.75 11.52
N CYS B 146 -8.08 1.93 11.90
CA CYS B 146 -7.66 3.21 12.43
C CYS B 146 -7.91 4.33 11.43
N GLY B 147 -8.22 5.50 11.96
CA GLY B 147 -8.61 6.62 11.14
C GLY B 147 -10.08 6.66 10.80
N SER B 148 -10.84 5.61 11.14
CA SER B 148 -12.30 5.73 11.07
C SER B 148 -12.73 6.85 11.99
N VAL B 149 -13.84 7.49 11.68
CA VAL B 149 -14.19 8.70 12.43
C VAL B 149 -15.57 8.56 13.02
N GLY B 150 -15.80 9.33 14.09
CA GLY B 150 -17.11 9.46 14.69
C GLY B 150 -17.61 10.89 14.51
N PHE B 151 -18.93 11.06 14.42
CA PHE B 151 -19.48 12.34 14.01
C PHE B 151 -20.94 12.42 14.45
N ASN B 152 -21.44 13.66 14.57
CA ASN B 152 -22.87 13.91 14.66
C ASN B 152 -23.21 14.88 13.53
N ILE B 153 -24.47 14.87 13.09
CA ILE B 153 -24.90 15.84 12.08
C ILE B 153 -25.83 16.83 12.76
N ASP B 154 -25.43 18.11 12.76
CA ASP B 154 -26.18 19.23 13.34
C ASP B 154 -26.75 20.04 12.18
N TYR B 155 -28.02 19.81 11.87
CA TYR B 155 -28.68 20.36 10.69
C TYR B 155 -27.95 19.92 9.43
N ASP B 156 -27.19 20.82 8.79
CA ASP B 156 -26.42 20.45 7.60
C ASP B 156 -24.91 20.46 7.86
N CYS B 157 -24.48 20.53 9.11
CA CYS B 157 -23.07 20.55 9.47
C CYS B 157 -22.65 19.21 10.07
N VAL B 158 -21.52 18.67 9.60
CA VAL B 158 -20.97 17.44 10.17
C VAL B 158 -20.02 17.84 11.29
N SER B 159 -20.31 17.40 12.52
CA SER B 159 -19.46 17.67 13.69
C SER B 159 -18.60 16.43 13.96
N PHE B 160 -17.34 16.47 13.53
CA PHE B 160 -16.42 15.36 13.80
C PHE B 160 -15.95 15.41 15.26
N CYS B 161 -16.07 14.26 15.95
CA CYS B 161 -15.68 14.24 17.36
C CYS B 161 -14.71 13.12 17.74
N TYR B 162 -14.38 12.21 16.85
CA TYR B 162 -13.59 11.05 17.24
C TYR B 162 -12.84 10.52 16.02
N MET B 163 -11.59 10.09 16.23
CA MET B 163 -10.83 9.34 15.23
C MET B 163 -10.22 8.14 15.94
N HIS B 164 -10.37 6.96 15.35
CA HIS B 164 -10.02 5.70 16.01
C HIS B 164 -8.52 5.44 15.96
N HIS B 165 -7.90 5.11 17.14
CA HIS B 165 -6.46 4.83 17.18
C HIS B 165 -6.09 3.43 17.67
N MET B 166 -6.78 2.85 18.66
CA MET B 166 -6.24 1.63 19.27
C MET B 166 -7.32 0.80 19.96
N GLU B 167 -7.01 -0.49 20.16
CA GLU B 167 -7.85 -1.38 20.97
C GLU B 167 -7.08 -1.81 22.21
N LEU B 168 -7.76 -1.78 23.34
CA LEU B 168 -7.22 -2.09 24.65
C LEU B 168 -7.41 -3.59 24.94
N PRO B 169 -6.65 -4.15 25.90
CA PRO B 169 -6.73 -5.61 26.11
C PRO B 169 -8.14 -6.12 26.40
N THR B 170 -8.93 -5.36 27.11
CA THR B 170 -10.30 -5.76 27.34
C THR B 170 -11.20 -5.75 26.11
N GLY B 171 -10.68 -5.28 24.99
CA GLY B 171 -11.48 -5.22 23.77
C GLY B 171 -12.25 -3.95 23.54
N VAL B 172 -12.10 -2.93 24.39
CA VAL B 172 -12.72 -1.62 24.16
C VAL B 172 -11.70 -0.73 23.44
N HIS B 173 -12.14 0.43 22.98
CA HIS B 173 -11.38 1.19 21.99
C HIS B 173 -11.13 2.61 22.45
N ALA B 174 -10.02 3.18 21.98
CA ALA B 174 -9.58 4.49 22.40
C ALA B 174 -9.14 5.28 21.17
N GLY B 175 -9.28 6.60 21.26
CA GLY B 175 -8.92 7.45 20.14
C GLY B 175 -8.89 8.91 20.56
N THR B 176 -8.84 9.78 19.56
CA THR B 176 -8.60 11.20 19.79
C THR B 176 -9.77 12.02 19.26
N ASP B 177 -9.79 13.30 19.61
CA ASP B 177 -10.61 14.21 18.81
C ASP B 177 -9.85 14.59 17.55
N LEU B 178 -10.43 15.48 16.76
CA LEU B 178 -9.78 15.79 15.49
C LEU B 178 -8.69 16.83 15.64
N GLU B 179 -8.48 17.32 16.86
CA GLU B 179 -7.29 18.11 17.16
C GLU B 179 -6.12 17.23 17.62
N GLY B 180 -6.32 15.91 17.63
CA GLY B 180 -5.26 14.97 17.98
C GLY B 180 -5.09 14.70 19.46
N ASN B 181 -5.97 15.20 20.33
CA ASN B 181 -5.90 14.93 21.77
C ASN B 181 -6.71 13.69 22.14
N PHE B 182 -6.05 12.74 22.80
CA PHE B 182 -6.75 11.52 23.20
C PHE B 182 -7.89 11.85 24.14
N TYR B 183 -8.97 11.07 24.03
CA TYR B 183 -9.95 11.00 25.11
C TYR B 183 -9.38 10.09 26.21
N GLY B 184 -9.19 10.63 27.39
CA GLY B 184 -8.60 9.89 28.46
C GLY B 184 -7.07 9.90 28.48
N PRO B 185 -6.50 9.08 29.37
CA PRO B 185 -5.05 9.14 29.64
C PRO B 185 -4.19 8.30 28.70
N PHE B 186 -4.75 7.83 27.60
CA PHE B 186 -4.08 6.86 26.74
C PHE B 186 -3.02 7.53 25.89
N VAL B 187 -2.06 6.73 25.43
CA VAL B 187 -0.96 7.20 24.61
C VAL B 187 -0.82 6.24 23.45
N ASP B 188 -0.33 6.76 22.31
CA ASP B 188 -0.32 5.98 21.07
C ASP B 188 1.03 5.29 20.93
N ARG B 189 1.24 4.33 21.82
CA ARG B 189 2.37 3.41 21.70
C ARG B 189 1.91 2.05 22.21
N GLN B 190 2.53 0.99 21.68
CA GLN B 190 2.06 -0.37 21.93
C GLN B 190 2.76 -0.89 23.18
N THR B 191 2.28 -0.39 24.32
CA THR B 191 2.69 -0.81 25.65
C THR B 191 1.43 -1.18 26.42
N ALA B 192 1.57 -2.08 27.41
CA ALA B 192 0.40 -2.51 28.18
C ALA B 192 -0.27 -1.33 28.87
N GLN B 193 -1.55 -1.16 28.59
CA GLN B 193 -2.34 0.00 28.98
C GLN B 193 -3.69 -0.51 29.42
N ALA B 194 -4.26 0.09 30.47
CA ALA B 194 -5.46 -0.44 31.09
C ALA B 194 -6.59 0.59 31.07
N ALA B 195 -7.76 0.14 30.62
CA ALA B 195 -8.98 0.95 30.73
C ALA B 195 -9.43 1.02 32.19
N GLY B 196 -9.66 2.23 32.68
CA GLY B 196 -10.02 2.44 34.07
C GLY B 196 -11.43 2.00 34.43
N THR B 197 -11.96 2.55 35.52
CA THR B 197 -13.31 2.20 35.98
C THR B 197 -14.35 3.17 35.41
#